data_9DK9
#
_entry.id   9DK9
#
_cell.length_a   1.00
_cell.length_b   1.00
_cell.length_c   1.00
_cell.angle_alpha   90.00
_cell.angle_beta   90.00
_cell.angle_gamma   90.00
#
_symmetry.space_group_name_H-M   'P 1'
#
_entity_poly.entity_id   1
_entity_poly.type   'polypeptide(L)'
_entity_poly.pdbx_seq_one_letter_code
;MAFSELLDQVGGLGRFQVLQTVALVVPIMWLCTQSMLENFSAAVPSHRCWVPLLDNSTAQASVPGALGPEALLAVSIPPG
PNQGPHQCRRFRQPQWQLLDPNATATNWSEAATEPCVDGWVYDRSTFTSTIVAKWDLVCDSQALKPMAQSIYLAGILVGA
AVCGPASDRFGRRLVLTWSYLQMAVSGTAAAFAPTFPVYCLFRFLVAFAVAGVMMNTGTLVMEWTSAQARPLVMTLNSLG
FSFGHVLMAAVAYGVRDWALLQLVVSVPFFLCFVYSCWLAESARWLLITGRLDRGLRELQRVAAINGKRAVGDTLTPQVL
LSAMQEELSVGQAPASLGTLLRTPGLRLRTCISTLCWFAFGFTFFGLALDLQALGSNIFLLQVLIGVVDIPAKIGTLLLL
SRLGRRPTQAASLVLAGLCILANTLVPHEMGALRSALAVLGLGGLGAAFTCITIYSGELFPTVLRMTAVGLGQMAARGGA
ILGPLVRLLGVHGPWLPLLVYGTVPVLSGLAALLLPETQSLPAPDTIQDVQNQAVKKATHGTGNPSVLKSTQFSN
;
_entity_poly.pdbx_strand_id   A
#
# COMPACT_ATOMS: atom_id res chain seq x y z
N ALA A 2 -7.72 26.59 13.51
CA ALA A 2 -8.30 27.93 13.50
C ALA A 2 -7.22 28.96 13.20
N PHE A 3 -7.55 30.24 13.39
CA PHE A 3 -6.58 31.30 13.18
C PHE A 3 -5.49 31.21 14.25
N SER A 4 -4.33 31.79 13.93
CA SER A 4 -3.18 31.67 14.82
C SER A 4 -3.47 32.24 16.20
N GLU A 5 -4.13 33.40 16.26
CA GLU A 5 -4.41 34.03 17.56
C GLU A 5 -5.31 33.14 18.40
N LEU A 6 -6.40 32.64 17.81
CA LEU A 6 -7.34 31.81 18.56
C LEU A 6 -6.70 30.51 19.01
N LEU A 7 -5.93 29.87 18.13
CA LEU A 7 -5.27 28.62 18.50
C LEU A 7 -4.25 28.85 19.61
N ASP A 8 -3.49 29.94 19.53
CA ASP A 8 -2.55 30.27 20.59
C ASP A 8 -3.26 30.52 21.91
N GLN A 9 -4.39 31.23 21.87
CA GLN A 9 -5.16 31.46 23.09
C GLN A 9 -5.64 30.15 23.69
N VAL A 10 -6.12 29.23 22.84
CA VAL A 10 -6.54 27.92 23.32
C VAL A 10 -5.32 27.12 23.80
N GLY A 11 -4.19 27.27 23.11
CA GLY A 11 -2.99 26.53 23.45
C GLY A 11 -2.49 25.70 22.28
N GLY A 12 -1.28 26.00 21.82
CA GLY A 12 -0.76 25.30 20.65
C GLY A 12 -0.56 23.81 20.91
N LEU A 13 0.05 23.48 22.05
CA LEU A 13 0.35 22.09 22.39
C LEU A 13 -0.18 21.81 23.79
N GLY A 14 -0.88 20.70 23.94
CA GLY A 14 -1.42 20.34 25.24
C GLY A 14 -1.96 18.94 25.23
N ARG A 15 -2.79 18.63 26.24
CA ARG A 15 -3.32 17.29 26.40
C ARG A 15 -4.03 16.82 25.14
N PHE A 16 -4.90 17.68 24.58
CA PHE A 16 -5.74 17.26 23.48
C PHE A 16 -4.91 16.86 22.26
N GLN A 17 -3.83 17.59 21.98
CA GLN A 17 -2.99 17.24 20.85
C GLN A 17 -2.41 15.84 21.01
N VAL A 18 -1.88 15.53 22.20
CA VAL A 18 -1.31 14.20 22.44
C VAL A 18 -2.39 13.13 22.30
N LEU A 19 -3.56 13.38 22.90
CA LEU A 19 -4.63 12.38 22.85
C LEU A 19 -5.07 12.13 21.42
N GLN A 20 -5.27 13.20 20.64
CA GLN A 20 -5.71 13.05 19.26
C GLN A 20 -4.66 12.35 18.40
N THR A 21 -3.38 12.70 18.59
CA THR A 21 -2.32 12.03 17.84
C THR A 21 -2.27 10.54 18.18
N VAL A 22 -2.38 10.20 19.46
CA VAL A 22 -2.36 8.79 19.85
C VAL A 22 -3.54 8.06 19.24
N ALA A 23 -4.72 8.69 19.26
CA ALA A 23 -5.91 8.05 18.70
C ALA A 23 -5.77 7.85 17.19
N LEU A 24 -5.21 8.84 16.48
CA LEU A 24 -5.21 8.79 15.02
C LEU A 24 -4.07 7.97 14.44
N VAL A 25 -2.93 7.87 15.15
CA VAL A 25 -1.80 7.12 14.60
C VAL A 25 -2.09 5.63 14.57
N VAL A 26 -2.79 5.12 15.58
CA VAL A 26 -2.97 3.67 15.70
C VAL A 26 -3.68 3.07 14.49
N PRO A 27 -4.79 3.64 14.00
CA PRO A 27 -5.46 3.03 12.83
C PRO A 27 -4.60 2.98 11.58
N ILE A 28 -3.56 3.82 11.49
CA ILE A 28 -2.72 3.81 10.29
C ILE A 28 -1.96 2.50 10.17
N MET A 29 -1.57 1.90 11.29
CA MET A 29 -0.91 0.60 11.24
C MET A 29 -1.84 -0.45 10.65
N TRP A 30 -3.10 -0.45 11.07
CA TRP A 30 -4.07 -1.39 10.51
C TRP A 30 -4.34 -1.10 9.04
N LEU A 31 -4.30 0.18 8.64
CA LEU A 31 -4.45 0.50 7.23
C LEU A 31 -3.31 -0.08 6.40
N CYS A 32 -2.08 0.04 6.90
CA CYS A 32 -0.96 -0.58 6.20
C CYS A 32 -1.10 -2.09 6.17
N THR A 33 -1.58 -2.68 7.26
CA THR A 33 -1.84 -4.12 7.30
C THR A 33 -2.84 -4.51 6.23
N GLN A 34 -3.93 -3.74 6.10
CA GLN A 34 -4.92 -4.03 5.06
C GLN A 34 -4.31 -3.93 3.68
N SER A 35 -3.48 -2.92 3.45
CA SER A 35 -2.87 -2.74 2.14
C SER A 35 -1.93 -3.90 1.79
N MET A 36 -1.17 -4.38 2.76
CA MET A 36 -0.16 -5.42 2.52
C MET A 36 -0.68 -6.83 2.79
N LEU A 37 -1.96 -6.98 3.13
CA LEU A 37 -2.53 -8.31 3.37
C LEU A 37 -2.42 -9.22 2.16
N GLU A 38 -2.25 -8.65 0.95
CA GLU A 38 -2.27 -9.47 -0.25
C GLU A 38 -1.12 -10.46 -0.30
N ASN A 39 0.05 -10.07 0.23
CA ASN A 39 1.21 -10.96 0.16
C ASN A 39 0.94 -12.30 0.83
N PHE A 40 0.06 -12.31 1.84
CA PHE A 40 -0.20 -13.51 2.62
C PHE A 40 -1.56 -14.15 2.33
N SER A 41 -2.57 -13.36 1.98
CA SER A 41 -3.88 -13.91 1.67
C SER A 41 -4.03 -14.28 0.21
N ALA A 42 -2.98 -14.11 -0.61
CA ALA A 42 -3.02 -14.46 -2.02
C ALA A 42 -1.74 -15.16 -2.45
N ALA A 43 -1.13 -15.94 -1.56
CA ALA A 43 0.08 -16.66 -1.92
C ALA A 43 -0.22 -17.72 -2.97
N VAL A 44 0.79 -18.03 -3.77
CA VAL A 44 0.67 -19.05 -4.82
C VAL A 44 1.50 -20.26 -4.40
N PRO A 45 0.88 -21.34 -3.93
CA PRO A 45 1.64 -22.56 -3.63
C PRO A 45 1.76 -23.46 -4.85
N SER A 46 2.69 -24.40 -4.74
CA SER A 46 2.88 -25.38 -5.81
C SER A 46 1.58 -26.13 -6.06
N HIS A 47 1.15 -26.17 -7.32
CA HIS A 47 -0.14 -26.74 -7.71
C HIS A 47 0.08 -27.82 -8.75
N ARG A 48 0.16 -29.07 -8.29
CA ARG A 48 0.19 -30.22 -9.17
C ARG A 48 -1.19 -30.48 -9.76
N CYS A 49 -1.22 -31.25 -10.86
CA CYS A 49 -2.48 -31.66 -11.45
C CYS A 49 -3.04 -32.88 -10.73
N TRP A 50 -4.35 -32.84 -10.48
CA TRP A 50 -5.02 -33.98 -9.85
C TRP A 50 -4.87 -35.23 -10.72
N VAL A 51 -4.56 -36.35 -10.07
CA VAL A 51 -4.38 -37.62 -10.75
C VAL A 51 -5.17 -38.70 -9.99
N PRO A 52 -5.99 -39.51 -10.66
CA PRO A 52 -6.72 -40.57 -9.93
C PRO A 52 -5.82 -41.64 -9.33
N LEU A 53 -4.59 -41.82 -9.84
CA LEU A 53 -3.75 -42.89 -9.34
C LEU A 53 -3.37 -42.67 -7.89
N LEU A 54 -3.09 -41.43 -7.49
CA LEU A 54 -2.59 -41.14 -6.15
C LEU A 54 -3.73 -40.78 -5.20
N ASP A 55 -4.52 -39.75 -5.54
CA ASP A 55 -5.52 -39.24 -4.61
C ASP A 55 -6.58 -40.30 -4.31
N ASN A 56 -7.05 -41.02 -5.33
CA ASN A 56 -8.03 -42.08 -5.13
C ASN A 56 -7.31 -43.30 -4.58
N SER A 57 -7.50 -43.56 -3.29
CA SER A 57 -6.73 -44.60 -2.62
C SER A 57 -6.99 -45.98 -3.21
N THR A 58 -8.18 -46.20 -3.79
CA THR A 58 -8.51 -47.52 -4.32
C THR A 58 -7.55 -47.93 -5.42
N ALA A 59 -7.31 -47.04 -6.38
CA ALA A 59 -6.43 -47.37 -7.50
C ALA A 59 -5.01 -47.63 -7.01
N GLN A 60 -4.50 -46.79 -6.10
CA GLN A 60 -3.16 -46.96 -5.60
C GLN A 60 -3.02 -48.28 -4.85
N ALA A 61 -3.99 -48.62 -4.01
CA ALA A 61 -3.94 -49.87 -3.26
C ALA A 61 -4.17 -51.09 -4.14
N SER A 62 -4.78 -50.90 -5.32
CA SER A 62 -5.01 -52.03 -6.21
C SER A 62 -3.70 -52.68 -6.64
N VAL A 63 -2.70 -51.87 -6.97
CA VAL A 63 -1.42 -52.42 -7.41
C VAL A 63 -0.79 -53.20 -6.26
N PRO A 64 -0.29 -54.42 -6.49
CA PRO A 64 0.33 -55.17 -5.40
C PRO A 64 1.56 -54.45 -4.85
N GLY A 65 1.77 -54.60 -3.55
CA GLY A 65 2.91 -53.96 -2.92
C GLY A 65 2.70 -52.46 -2.79
N ALA A 66 3.83 -51.76 -2.63
CA ALA A 66 3.84 -50.31 -2.47
C ALA A 66 4.78 -49.68 -3.48
N LEU A 67 4.37 -48.56 -4.05
CA LEU A 67 5.19 -47.77 -4.96
C LEU A 67 5.35 -46.38 -4.38
N GLY A 68 6.61 -45.94 -4.24
CA GLY A 68 6.90 -44.66 -3.65
C GLY A 68 6.24 -43.52 -4.40
N PRO A 69 5.76 -42.50 -3.68
CA PRO A 69 5.09 -41.39 -4.37
C PRO A 69 5.97 -40.69 -5.39
N GLU A 70 7.26 -40.52 -5.09
CA GLU A 70 8.15 -39.87 -6.03
C GLU A 70 8.26 -40.66 -7.33
N ALA A 71 8.34 -41.98 -7.24
CA ALA A 71 8.46 -42.81 -8.43
C ALA A 71 7.13 -42.94 -9.16
N LEU A 72 6.02 -42.93 -8.44
CA LEU A 72 4.70 -43.06 -9.06
C LEU A 72 4.17 -41.74 -9.59
N LEU A 73 4.81 -40.62 -9.26
CA LEU A 73 4.39 -39.33 -9.80
C LEU A 73 4.85 -39.14 -11.25
N ALA A 74 6.01 -39.67 -11.61
CA ALA A 74 6.53 -39.47 -12.96
C ALA A 74 5.62 -40.10 -14.00
N VAL A 75 5.03 -41.25 -13.69
CA VAL A 75 4.23 -41.98 -14.67
C VAL A 75 3.00 -41.20 -15.10
N SER A 76 2.62 -40.16 -14.36
CA SER A 76 1.39 -39.42 -14.64
C SER A 76 1.61 -37.90 -14.69
N ILE A 77 2.86 -37.44 -14.74
CA ILE A 77 3.12 -36.01 -14.84
C ILE A 77 4.30 -35.79 -15.78
N PRO A 78 4.13 -35.13 -16.92
CA PRO A 78 5.27 -34.88 -17.80
C PRO A 78 6.30 -34.02 -17.11
N PRO A 79 7.59 -34.21 -17.43
CA PRO A 79 8.62 -33.36 -16.83
C PRO A 79 8.53 -31.93 -17.33
N GLY A 80 8.17 -31.01 -16.44
CA GLY A 80 8.01 -29.63 -16.82
C GLY A 80 9.34 -28.90 -16.87
N PRO A 81 9.29 -27.63 -17.24
CA PRO A 81 10.52 -26.84 -17.34
C PRO A 81 11.17 -26.64 -15.98
N ASN A 82 12.49 -26.47 -16.01
CA ASN A 82 13.28 -26.23 -14.80
C ASN A 82 13.33 -27.48 -13.92
N GLN A 83 13.37 -28.66 -14.54
CA GLN A 83 13.46 -29.93 -13.83
C GLN A 83 12.40 -30.04 -12.74
N GLY A 84 11.14 -30.00 -13.18
CA GLY A 84 10.03 -30.09 -12.27
C GLY A 84 8.78 -30.66 -12.92
N PRO A 85 7.73 -30.86 -12.14
CA PRO A 85 6.48 -31.37 -12.70
C PRO A 85 5.66 -30.27 -13.35
N HIS A 86 5.12 -30.56 -14.53
CA HIS A 86 4.37 -29.57 -15.27
C HIS A 86 3.13 -29.14 -14.48
N GLN A 87 2.93 -27.82 -14.40
CA GLN A 87 1.96 -27.25 -13.47
C GLN A 87 0.52 -27.41 -13.96
N CYS A 88 0.29 -27.50 -15.27
CA CYS A 88 -1.06 -27.47 -15.82
C CYS A 88 -1.23 -28.55 -16.89
N ARG A 89 -0.75 -29.75 -16.61
CA ARG A 89 -0.91 -30.85 -17.56
C ARG A 89 -0.94 -32.17 -16.81
N ARG A 90 -1.31 -33.22 -17.53
CA ARG A 90 -1.31 -34.57 -16.98
C ARG A 90 -1.29 -35.55 -18.14
N PHE A 91 -0.70 -36.73 -17.89
CA PHE A 91 -0.67 -37.77 -18.91
C PHE A 91 -2.07 -38.31 -19.17
N ARG A 92 -2.37 -38.55 -20.45
CA ARG A 92 -3.68 -39.11 -20.79
C ARG A 92 -3.84 -40.49 -20.19
N GLN A 93 -2.80 -41.32 -20.25
CA GLN A 93 -2.80 -42.66 -19.68
C GLN A 93 -1.49 -42.87 -18.95
N PRO A 94 -1.47 -43.75 -17.95
CA PRO A 94 -0.21 -44.04 -17.26
C PRO A 94 0.79 -44.69 -18.20
N GLN A 95 2.07 -44.37 -18.00
CA GLN A 95 3.16 -44.89 -18.81
C GLN A 95 4.19 -45.51 -17.88
N TRP A 96 4.17 -46.83 -17.75
CA TRP A 96 5.13 -47.53 -16.90
C TRP A 96 6.54 -47.53 -17.48
N GLN A 97 6.68 -47.22 -18.77
CA GLN A 97 8.01 -47.21 -19.37
C GLN A 97 8.90 -46.15 -18.70
N LEU A 98 8.32 -44.99 -18.36
CA LEU A 98 9.08 -43.97 -17.65
C LEU A 98 9.43 -44.38 -16.23
N LEU A 99 8.83 -45.46 -15.72
CA LEU A 99 9.14 -45.90 -14.36
C LEU A 99 10.61 -46.28 -14.22
N ASP A 100 11.15 -46.98 -15.20
CA ASP A 100 12.54 -47.41 -15.14
C ASP A 100 13.47 -46.21 -15.25
N PRO A 101 14.33 -45.97 -14.26
CA PRO A 101 15.23 -44.81 -14.34
C PRO A 101 16.20 -44.87 -15.51
N ASN A 102 16.50 -46.06 -16.03
CA ASN A 102 17.49 -46.18 -17.10
C ASN A 102 17.07 -45.42 -18.34
N ALA A 103 15.80 -45.54 -18.73
CA ALA A 103 15.33 -44.88 -19.94
C ALA A 103 15.35 -43.37 -19.77
N THR A 104 15.78 -42.68 -20.82
CA THR A 104 15.83 -41.22 -20.79
C THR A 104 14.42 -40.64 -20.73
N ALA A 105 14.26 -39.58 -19.95
CA ALA A 105 12.97 -38.94 -19.78
C ALA A 105 12.66 -37.92 -20.88
N THR A 106 13.60 -37.70 -21.81
CA THR A 106 13.34 -36.76 -22.89
C THR A 106 12.16 -37.21 -23.76
N ASN A 107 12.08 -38.52 -24.04
CA ASN A 107 10.97 -39.03 -24.82
C ASN A 107 9.64 -38.80 -24.11
N TRP A 108 9.65 -38.76 -22.78
CA TRP A 108 8.45 -38.52 -22.00
C TRP A 108 8.25 -37.02 -21.86
N SER A 109 7.23 -36.48 -22.52
CA SER A 109 6.95 -35.05 -22.52
C SER A 109 5.44 -34.84 -22.53
N GLU A 110 5.04 -33.58 -22.53
CA GLU A 110 3.62 -33.21 -22.53
C GLU A 110 3.03 -33.11 -23.94
N ALA A 111 3.70 -33.68 -24.93
CA ALA A 111 3.17 -33.64 -26.30
C ALA A 111 1.84 -34.37 -26.39
N ALA A 112 1.73 -35.52 -25.73
CA ALA A 112 0.52 -36.34 -25.74
C ALA A 112 -0.19 -36.29 -24.38
N THR A 113 -0.13 -35.14 -23.72
CA THR A 113 -0.72 -34.98 -22.39
C THR A 113 -2.13 -34.42 -22.51
N GLU A 114 -2.73 -34.08 -21.37
CA GLU A 114 -4.09 -33.57 -21.30
C GLU A 114 -4.15 -32.45 -20.28
N PRO A 115 -5.09 -31.51 -20.42
CA PRO A 115 -5.20 -30.43 -19.43
C PRO A 115 -5.75 -30.95 -18.10
N CYS A 116 -5.76 -30.05 -17.13
CA CYS A 116 -6.18 -30.40 -15.76
C CYS A 116 -7.70 -30.39 -15.70
N VAL A 117 -8.30 -31.50 -16.14
CA VAL A 117 -9.75 -31.62 -16.18
C VAL A 117 -10.32 -31.73 -14.77
N ASP A 118 -9.66 -32.51 -13.91
CA ASP A 118 -10.20 -32.85 -12.59
C ASP A 118 -9.80 -31.88 -11.50
N GLY A 119 -9.05 -30.83 -11.82
CA GLY A 119 -8.64 -29.84 -10.83
C GLY A 119 -7.18 -29.99 -10.43
N TRP A 120 -6.78 -29.14 -9.50
CA TRP A 120 -5.40 -29.06 -9.04
C TRP A 120 -5.29 -29.51 -7.59
N VAL A 121 -4.11 -30.00 -7.23
CA VAL A 121 -3.78 -30.37 -5.85
C VAL A 121 -2.70 -29.42 -5.36
N TYR A 122 -2.97 -28.74 -4.26
CA TYR A 122 -2.09 -27.70 -3.73
C TYR A 122 -1.35 -28.22 -2.50
N ASP A 123 -0.54 -27.33 -1.92
CA ASP A 123 0.30 -27.65 -0.77
C ASP A 123 -0.20 -26.89 0.45
N ARG A 124 -0.39 -27.62 1.55
CA ARG A 124 -0.88 -27.05 2.81
C ARG A 124 0.21 -27.00 3.87
N SER A 125 1.47 -27.17 3.49
CA SER A 125 2.55 -27.21 4.48
C SER A 125 2.74 -25.85 5.15
N THR A 126 2.77 -24.78 4.35
CA THR A 126 3.02 -23.43 4.88
C THR A 126 1.74 -22.63 5.08
N PHE A 127 0.87 -22.60 4.08
CA PHE A 127 -0.43 -21.94 4.18
C PHE A 127 -1.52 -23.01 4.22
N THR A 128 -2.40 -22.93 5.22
CA THR A 128 -3.50 -23.89 5.29
C THR A 128 -4.52 -23.65 4.18
N SER A 129 -4.78 -22.39 3.85
CA SER A 129 -5.72 -22.05 2.79
C SER A 129 -5.32 -20.72 2.18
N THR A 130 -5.74 -20.52 0.93
CA THR A 130 -5.43 -19.29 0.21
C THR A 130 -6.52 -19.07 -0.84
N ILE A 131 -6.63 -17.81 -1.27
CA ILE A 131 -7.63 -17.46 -2.29
C ILE A 131 -7.32 -18.17 -3.60
N VAL A 132 -6.04 -18.28 -3.94
CA VAL A 132 -5.65 -18.96 -5.18
C VAL A 132 -6.10 -20.41 -5.16
N ALA A 133 -5.90 -21.09 -4.02
CA ALA A 133 -6.29 -22.48 -3.92
C ALA A 133 -7.80 -22.64 -3.81
N LYS A 134 -8.52 -21.58 -3.44
CA LYS A 134 -9.96 -21.67 -3.29
C LYS A 134 -10.69 -21.43 -4.61
N TRP A 135 -10.22 -20.49 -5.44
CA TRP A 135 -10.87 -20.19 -6.70
C TRP A 135 -10.02 -20.56 -7.90
N ASP A 136 -9.03 -21.43 -7.73
CA ASP A 136 -8.25 -21.97 -8.84
C ASP A 136 -7.70 -20.85 -9.72
N LEU A 137 -7.08 -19.86 -9.09
CA LEU A 137 -6.46 -18.75 -9.82
C LEU A 137 -5.05 -19.14 -10.27
N VAL A 138 -4.99 -20.18 -11.09
CA VAL A 138 -3.73 -20.69 -11.62
C VAL A 138 -3.92 -21.00 -13.10
N CYS A 139 -2.79 -21.19 -13.79
CA CYS A 139 -2.77 -21.55 -15.20
C CYS A 139 -3.52 -20.51 -16.03
N ASP A 140 -4.68 -20.87 -16.59
CA ASP A 140 -5.40 -19.95 -17.45
C ASP A 140 -6.00 -18.78 -16.68
N SER A 141 -6.21 -18.96 -15.37
CA SER A 141 -6.67 -17.88 -14.51
C SER A 141 -5.53 -17.16 -13.82
N GLN A 142 -4.28 -17.45 -14.19
CA GLN A 142 -3.15 -16.81 -13.52
C GLN A 142 -3.27 -15.30 -13.58
N ALA A 143 -3.61 -14.76 -14.75
CA ALA A 143 -3.70 -13.31 -14.91
C ALA A 143 -4.72 -12.68 -13.97
N LEU A 144 -5.68 -13.46 -13.48
CA LEU A 144 -6.67 -12.90 -12.56
C LEU A 144 -6.07 -12.50 -11.22
N LYS A 145 -4.84 -12.92 -10.91
CA LYS A 145 -4.26 -12.57 -9.63
C LYS A 145 -3.83 -11.11 -9.60
N PRO A 146 -2.96 -10.67 -10.53
CA PRO A 146 -2.61 -9.24 -10.54
C PRO A 146 -3.82 -8.35 -10.73
N MET A 147 -4.81 -8.80 -11.48
CA MET A 147 -6.01 -8.00 -11.71
C MET A 147 -6.67 -7.62 -10.39
N ALA A 148 -6.87 -8.58 -9.50
CA ALA A 148 -7.44 -8.27 -8.20
C ALA A 148 -6.61 -7.25 -7.46
N GLN A 149 -5.28 -7.27 -7.65
CA GLN A 149 -4.43 -6.28 -7.01
C GLN A 149 -4.64 -4.89 -7.61
N SER A 150 -4.91 -4.81 -8.91
CA SER A 150 -5.08 -3.51 -9.55
C SER A 150 -6.38 -2.85 -9.12
N ILE A 151 -7.49 -3.61 -9.13
CA ILE A 151 -8.79 -3.04 -8.79
C ILE A 151 -8.73 -2.38 -7.42
N TYR A 152 -8.15 -3.06 -6.43
CA TYR A 152 -8.03 -2.47 -5.12
C TYR A 152 -7.39 -1.09 -5.22
N LEU A 153 -6.25 -1.00 -5.91
CA LEU A 153 -5.61 0.30 -6.05
C LEU A 153 -6.50 1.28 -6.79
N ALA A 154 -7.23 0.81 -7.81
CA ALA A 154 -8.18 1.68 -8.49
C ALA A 154 -9.11 2.33 -7.49
N GLY A 155 -9.61 1.56 -6.51
CA GLY A 155 -10.51 2.14 -5.53
C GLY A 155 -9.89 3.34 -4.84
N ILE A 156 -8.62 3.22 -4.44
CA ILE A 156 -7.97 4.34 -3.78
C ILE A 156 -8.05 5.58 -4.66
N LEU A 157 -7.77 5.42 -5.96
CA LEU A 157 -7.81 6.57 -6.86
C LEU A 157 -9.19 7.21 -6.87
N VAL A 158 -10.25 6.39 -6.89
CA VAL A 158 -11.58 6.99 -6.90
C VAL A 158 -11.90 7.62 -5.55
N GLY A 159 -11.37 7.05 -4.46
CA GLY A 159 -11.67 7.60 -3.14
C GLY A 159 -11.27 9.05 -3.02
N ALA A 160 -10.01 9.36 -3.37
CA ALA A 160 -9.55 10.74 -3.29
C ALA A 160 -10.32 11.64 -4.24
N ALA A 161 -11.00 11.08 -5.24
CA ALA A 161 -11.80 11.89 -6.15
C ALA A 161 -13.17 12.22 -5.56
N VAL A 162 -13.66 11.44 -4.61
CA VAL A 162 -14.95 11.69 -3.99
C VAL A 162 -14.83 12.12 -2.54
N CYS A 163 -13.76 11.75 -1.85
CA CYS A 163 -13.53 12.21 -0.48
C CYS A 163 -12.94 13.61 -0.42
N GLY A 164 -12.59 14.19 -1.57
CA GLY A 164 -12.02 15.51 -1.60
C GLY A 164 -13.05 16.60 -1.40
N PRO A 165 -14.04 16.68 -2.30
CA PRO A 165 -15.07 17.72 -2.17
C PRO A 165 -16.06 17.40 -1.06
N ALA A 166 -16.41 16.12 -0.89
CA ALA A 166 -17.38 15.75 0.14
C ALA A 166 -16.92 16.18 1.51
N SER A 167 -15.68 15.85 1.88
CA SER A 167 -15.14 16.26 3.16
C SER A 167 -15.05 17.77 3.28
N ASP A 168 -15.04 18.49 2.16
CA ASP A 168 -15.02 19.95 2.19
C ASP A 168 -16.41 20.55 2.36
N ARG A 169 -17.47 19.74 2.37
CA ARG A 169 -18.84 20.22 2.53
C ARG A 169 -19.49 19.73 3.81
N PHE A 170 -19.34 18.45 4.14
CA PHE A 170 -19.92 17.89 5.36
C PHE A 170 -19.00 18.03 6.58
N GLY A 171 -17.69 17.95 6.38
CA GLY A 171 -16.76 18.05 7.49
C GLY A 171 -15.66 17.02 7.42
N ARG A 172 -14.76 17.03 8.41
CA ARG A 172 -13.66 16.07 8.45
C ARG A 172 -13.99 14.87 9.33
N ARG A 173 -14.48 15.13 10.55
CA ARG A 173 -14.76 14.05 11.48
C ARG A 173 -15.86 13.14 10.97
N LEU A 174 -16.90 13.71 10.35
CA LEU A 174 -17.99 12.90 9.83
C LEU A 174 -17.48 11.92 8.78
N VAL A 175 -16.68 12.42 7.83
CA VAL A 175 -16.15 11.56 6.78
C VAL A 175 -15.21 10.51 7.39
N LEU A 176 -14.39 10.91 8.36
CA LEU A 176 -13.48 9.96 8.98
C LEU A 176 -14.24 8.82 9.64
N THR A 177 -15.28 9.16 10.41
CA THR A 177 -16.08 8.15 11.10
C THR A 177 -16.79 7.24 10.10
N TRP A 178 -17.38 7.83 9.05
CA TRP A 178 -18.07 7.01 8.06
C TRP A 178 -17.10 6.08 7.35
N SER A 179 -15.89 6.57 7.06
CA SER A 179 -14.90 5.72 6.38
C SER A 179 -14.43 4.60 7.30
N TYR A 180 -14.28 4.87 8.59
CA TYR A 180 -13.98 3.80 9.53
C TYR A 180 -15.06 2.73 9.50
N LEU A 181 -16.33 3.15 9.55
CA LEU A 181 -17.43 2.20 9.53
C LEU A 181 -17.42 1.38 8.24
N GLN A 182 -17.21 2.06 7.10
CA GLN A 182 -17.20 1.36 5.82
C GLN A 182 -16.05 0.36 5.74
N MET A 183 -14.86 0.76 6.19
CA MET A 183 -13.75 -0.17 6.25
C MET A 183 -14.10 -1.40 7.06
N ALA A 184 -14.64 -1.19 8.28
CA ALA A 184 -14.94 -2.33 9.13
C ALA A 184 -15.94 -3.27 8.47
N VAL A 185 -17.02 -2.70 7.93
CA VAL A 185 -18.08 -3.53 7.35
C VAL A 185 -17.57 -4.28 6.13
N SER A 186 -16.87 -3.60 5.23
CA SER A 186 -16.39 -4.24 4.01
C SER A 186 -15.35 -5.32 4.33
N GLY A 187 -14.46 -5.04 5.28
CA GLY A 187 -13.48 -6.05 5.65
C GLY A 187 -14.12 -7.27 6.28
N THR A 188 -15.12 -7.06 7.14
CA THR A 188 -15.82 -8.20 7.73
C THR A 188 -16.58 -8.99 6.67
N ALA A 189 -17.15 -8.31 5.67
CA ALA A 189 -17.94 -9.00 4.66
C ALA A 189 -17.08 -9.74 3.64
N ALA A 190 -15.89 -9.21 3.32
CA ALA A 190 -15.08 -9.83 2.28
C ALA A 190 -14.63 -11.24 2.65
N ALA A 191 -14.53 -11.54 3.95
CA ALA A 191 -14.07 -12.85 4.36
C ALA A 191 -15.05 -13.95 3.98
N PHE A 192 -16.33 -13.61 3.83
CA PHE A 192 -17.37 -14.59 3.53
C PHE A 192 -17.79 -14.58 2.07
N ALA A 193 -17.03 -13.91 1.20
CA ALA A 193 -17.41 -13.84 -0.20
C ALA A 193 -17.36 -15.23 -0.83
N PRO A 194 -18.46 -15.72 -1.41
CA PRO A 194 -18.44 -17.06 -2.03
C PRO A 194 -17.98 -17.09 -3.48
N THR A 195 -17.71 -15.94 -4.11
CA THR A 195 -17.33 -15.91 -5.50
C THR A 195 -16.36 -14.76 -5.72
N PHE A 196 -15.50 -14.90 -6.73
CA PHE A 196 -14.41 -13.94 -6.93
C PHE A 196 -14.90 -12.52 -7.14
N PRO A 197 -15.87 -12.23 -8.02
CA PRO A 197 -16.28 -10.84 -8.21
C PRO A 197 -16.78 -10.17 -6.93
N VAL A 198 -17.45 -10.92 -6.05
CA VAL A 198 -17.91 -10.35 -4.79
C VAL A 198 -16.71 -9.91 -3.95
N TYR A 199 -15.69 -10.76 -3.87
CA TYR A 199 -14.49 -10.41 -3.12
C TYR A 199 -13.81 -9.19 -3.73
N CYS A 200 -13.76 -9.11 -5.06
CA CYS A 200 -13.15 -7.96 -5.72
C CYS A 200 -13.92 -6.68 -5.41
N LEU A 201 -15.26 -6.75 -5.44
CA LEU A 201 -16.07 -5.59 -5.12
C LEU A 201 -15.83 -5.11 -3.70
N PHE A 202 -15.80 -6.05 -2.75
CA PHE A 202 -15.59 -5.65 -1.36
C PHE A 202 -14.18 -5.09 -1.16
N ARG A 203 -13.18 -5.64 -1.86
CA ARG A 203 -11.84 -5.08 -1.78
C ARG A 203 -11.79 -3.66 -2.33
N PHE A 204 -12.51 -3.41 -3.44
CA PHE A 204 -12.57 -2.07 -3.99
C PHE A 204 -13.20 -1.10 -3.00
N LEU A 205 -14.28 -1.51 -2.34
CA LEU A 205 -14.90 -0.65 -1.34
C LEU A 205 -13.95 -0.38 -0.17
N VAL A 206 -13.22 -1.42 0.26
CA VAL A 206 -12.22 -1.23 1.31
C VAL A 206 -11.19 -0.20 0.89
N ALA A 207 -10.75 -0.25 -0.36
CA ALA A 207 -9.78 0.73 -0.86
C ALA A 207 -10.36 2.14 -0.84
N PHE A 208 -11.62 2.28 -1.24
CA PHE A 208 -12.29 3.57 -1.17
C PHE A 208 -12.22 4.13 0.25
N ALA A 209 -12.63 3.32 1.23
CA ALA A 209 -12.62 3.77 2.61
C ALA A 209 -11.21 4.08 3.08
N VAL A 210 -10.21 3.31 2.63
CA VAL A 210 -8.84 3.58 3.03
C VAL A 210 -8.39 4.93 2.53
N ALA A 211 -8.72 5.27 1.28
CA ALA A 211 -8.34 6.58 0.75
C ALA A 211 -9.00 7.70 1.54
N GLY A 212 -10.29 7.54 1.85
CA GLY A 212 -10.98 8.56 2.64
C GLY A 212 -10.31 8.76 3.99
N VAL A 213 -10.03 7.66 4.69
CA VAL A 213 -9.39 7.75 6.00
C VAL A 213 -8.04 8.44 5.86
N MET A 214 -7.25 8.02 4.87
CA MET A 214 -5.89 8.54 4.73
C MET A 214 -5.92 10.05 4.56
N MET A 215 -6.81 10.55 3.70
CA MET A 215 -6.88 12.00 3.50
C MET A 215 -7.34 12.70 4.78
N ASN A 216 -8.39 12.18 5.43
CA ASN A 216 -9.03 12.94 6.48
C ASN A 216 -8.19 13.01 7.75
N THR A 217 -7.54 11.90 8.13
CA THR A 217 -6.72 11.97 9.35
C THR A 217 -5.62 13.01 9.18
N GLY A 218 -4.97 13.01 8.01
CA GLY A 218 -3.89 13.96 7.78
C GLY A 218 -4.40 15.39 7.80
N THR A 219 -5.55 15.64 7.17
CA THR A 219 -6.10 16.99 7.18
C THR A 219 -6.41 17.45 8.59
N LEU A 220 -7.05 16.59 9.39
CA LEU A 220 -7.41 16.97 10.75
C LEU A 220 -6.17 17.25 11.59
N VAL A 221 -5.17 16.37 11.51
CA VAL A 221 -3.94 16.56 12.26
C VAL A 221 -3.27 17.87 11.86
N MET A 222 -3.21 18.15 10.55
CA MET A 222 -2.62 19.40 10.10
C MET A 222 -3.35 20.60 10.70
N GLU A 223 -4.69 20.59 10.64
CA GLU A 223 -5.42 21.77 11.10
C GLU A 223 -5.20 22.03 12.58
N TRP A 224 -5.31 21.01 13.43
CA TRP A 224 -5.31 21.31 14.85
C TRP A 224 -3.93 21.67 15.39
N THR A 225 -2.87 21.02 14.94
CA THR A 225 -1.55 21.26 15.54
C THR A 225 -1.07 22.68 15.25
N SER A 226 -0.26 23.21 16.16
CA SER A 226 0.32 24.53 15.98
C SER A 226 1.25 24.55 14.76
N ALA A 227 1.58 25.77 14.32
CA ALA A 227 2.36 25.93 13.09
C ALA A 227 3.76 25.36 13.23
N GLN A 228 4.42 25.60 14.37
CA GLN A 228 5.82 25.24 14.50
C GLN A 228 6.05 23.73 14.57
N ALA A 229 5.00 22.95 14.80
CA ALA A 229 5.15 21.51 15.02
C ALA A 229 4.35 20.68 14.01
N ARG A 230 4.21 21.18 12.78
CA ARG A 230 3.44 20.46 11.78
C ARG A 230 4.27 19.32 11.17
N PRO A 231 5.45 19.60 10.63
CA PRO A 231 6.26 18.50 10.05
C PRO A 231 6.63 17.44 11.06
N LEU A 232 6.85 17.82 12.32
CA LEU A 232 7.21 16.85 13.35
C LEU A 232 6.08 15.85 13.57
N VAL A 233 4.83 16.30 13.50
CA VAL A 233 3.71 15.37 13.66
C VAL A 233 3.47 14.58 12.39
N MET A 234 3.71 15.19 11.22
CA MET A 234 3.53 14.46 9.97
C MET A 234 4.51 13.30 9.86
N THR A 235 5.76 13.51 10.28
CA THR A 235 6.72 12.41 10.22
C THR A 235 6.32 11.27 11.16
N LEU A 236 5.69 11.58 12.29
CA LEU A 236 5.15 10.52 13.14
C LEU A 236 4.00 9.80 12.45
N ASN A 237 3.15 10.56 11.74
CA ASN A 237 2.06 9.95 11.00
C ASN A 237 2.57 8.99 9.95
N SER A 238 3.72 9.30 9.34
CA SER A 238 4.34 8.37 8.40
C SER A 238 5.01 7.19 9.10
N LEU A 239 5.61 7.45 10.27
CA LEU A 239 6.29 6.38 11.01
C LEU A 239 5.30 5.32 11.47
N GLY A 240 4.06 5.72 11.77
CA GLY A 240 3.04 4.74 12.08
C GLY A 240 2.77 3.80 10.92
N PHE A 241 2.63 4.35 9.72
CA PHE A 241 2.44 3.51 8.54
C PHE A 241 3.64 2.61 8.31
N SER A 242 4.84 3.08 8.66
CA SER A 242 6.01 2.23 8.52
C SER A 242 6.01 1.09 9.52
N PHE A 243 5.56 1.33 10.76
CA PHE A 243 5.45 0.24 11.74
C PHE A 243 4.34 -0.73 11.35
N GLY A 244 3.39 -0.28 10.54
CA GLY A 244 2.38 -1.19 10.05
C GLY A 244 2.95 -2.45 9.43
N HIS A 245 4.13 -2.34 8.80
CA HIS A 245 4.75 -3.51 8.21
C HIS A 245 5.14 -4.54 9.27
N VAL A 246 5.75 -4.08 10.37
CA VAL A 246 6.09 -5.00 11.46
C VAL A 246 4.83 -5.62 12.02
N LEU A 247 3.77 -4.82 12.17
CA LEU A 247 2.51 -5.40 12.67
C LEU A 247 2.00 -6.48 11.73
N MET A 248 2.04 -6.23 10.42
CA MET A 248 1.59 -7.21 9.45
C MET A 248 2.41 -8.48 9.55
N ALA A 249 3.73 -8.35 9.66
CA ALA A 249 4.58 -9.53 9.78
C ALA A 249 4.27 -10.31 11.05
N ALA A 250 3.95 -9.60 12.14
CA ALA A 250 3.68 -10.28 13.41
C ALA A 250 2.34 -10.99 13.39
N VAL A 251 1.36 -10.46 12.65
CA VAL A 251 0.03 -11.06 12.65
C VAL A 251 0.00 -12.31 11.77
N ALA A 252 0.53 -12.20 10.55
CA ALA A 252 0.43 -13.32 9.60
C ALA A 252 1.09 -14.57 10.13
N TYR A 253 2.16 -14.44 10.92
CA TYR A 253 2.85 -15.60 11.44
C TYR A 253 1.98 -16.41 12.40
N GLY A 254 0.91 -15.81 12.94
CA GLY A 254 0.05 -16.50 13.88
C GLY A 254 -1.06 -17.28 13.22
N VAL A 255 -1.86 -16.61 12.40
CA VAL A 255 -3.01 -17.23 11.74
C VAL A 255 -2.62 -17.54 10.30
N ARG A 256 -2.87 -18.78 9.88
CA ARG A 256 -2.56 -19.24 8.53
C ARG A 256 -3.89 -19.54 7.83
N ASP A 257 -4.49 -18.49 7.26
CA ASP A 257 -5.78 -18.61 6.59
C ASP A 257 -6.01 -17.34 5.80
N TRP A 258 -6.97 -17.40 4.87
CA TRP A 258 -7.34 -16.25 4.06
C TRP A 258 -8.58 -15.53 4.55
N ALA A 259 -9.44 -16.20 5.31
CA ALA A 259 -10.62 -15.57 5.89
C ALA A 259 -10.37 -15.07 7.30
N LEU A 260 -9.76 -15.90 8.14
CA LEU A 260 -9.47 -15.49 9.50
C LEU A 260 -8.54 -14.29 9.52
N LEU A 261 -7.53 -14.29 8.65
CA LEU A 261 -6.59 -13.17 8.61
C LEU A 261 -7.31 -11.86 8.27
N GLN A 262 -8.15 -11.89 7.24
CA GLN A 262 -8.87 -10.68 6.85
C GLN A 262 -9.79 -10.21 7.97
N LEU A 263 -10.51 -11.16 8.59
CA LEU A 263 -11.44 -10.78 9.66
C LEU A 263 -10.70 -10.17 10.84
N VAL A 264 -9.58 -10.78 11.25
CA VAL A 264 -8.84 -10.28 12.40
C VAL A 264 -8.23 -8.92 12.08
N VAL A 265 -7.78 -8.72 10.84
CA VAL A 265 -7.22 -7.44 10.47
C VAL A 265 -8.29 -6.35 10.47
N SER A 266 -9.49 -6.67 9.99
CA SER A 266 -10.51 -5.64 9.76
C SER A 266 -11.48 -5.46 10.93
N VAL A 267 -11.43 -6.29 11.96
CA VAL A 267 -12.38 -6.16 13.06
C VAL A 267 -12.10 -4.96 13.96
N PRO A 268 -10.85 -4.56 14.20
CA PRO A 268 -10.63 -3.43 15.14
C PRO A 268 -11.22 -2.11 14.67
N PHE A 269 -11.54 -1.98 13.39
CA PHE A 269 -12.09 -0.72 12.91
C PHE A 269 -13.48 -0.46 13.49
N PHE A 270 -14.16 -1.48 14.02
CA PHE A 270 -15.38 -1.24 14.76
C PHE A 270 -15.11 -0.41 16.00
N LEU A 271 -14.10 -0.79 16.79
CA LEU A 271 -13.71 0.03 17.93
C LEU A 271 -13.23 1.40 17.47
N CYS A 272 -12.48 1.44 16.36
CA CYS A 272 -12.02 2.73 15.84
C CYS A 272 -13.20 3.66 15.58
N PHE A 273 -14.25 3.15 14.95
CA PHE A 273 -15.46 3.94 14.75
C PHE A 273 -16.10 4.32 16.09
N VAL A 274 -16.16 3.36 17.02
CA VAL A 274 -16.91 3.57 18.25
C VAL A 274 -16.32 4.72 19.05
N TYR A 275 -14.98 4.73 19.19
CA TYR A 275 -14.35 5.78 20.00
C TYR A 275 -14.07 7.05 19.21
N SER A 276 -14.33 7.05 17.89
CA SER A 276 -14.06 8.21 17.05
C SER A 276 -15.17 9.26 17.09
N CYS A 277 -16.05 9.22 18.08
CA CYS A 277 -17.13 10.19 18.21
C CYS A 277 -16.80 11.34 19.15
N TRP A 278 -15.82 11.17 20.04
CA TRP A 278 -15.43 12.23 20.95
C TRP A 278 -14.30 13.10 20.42
N LEU A 279 -13.73 12.75 19.27
CA LEU A 279 -12.77 13.64 18.62
C LEU A 279 -13.49 14.90 18.15
N ALA A 280 -12.78 16.03 18.19
CA ALA A 280 -13.38 17.32 17.89
C ALA A 280 -13.27 17.65 16.41
N GLU A 281 -14.33 18.24 15.87
CA GLU A 281 -14.31 18.74 14.51
C GLU A 281 -13.52 20.03 14.45
N SER A 282 -12.65 20.16 13.45
CA SER A 282 -11.78 21.31 13.35
C SER A 282 -12.59 22.60 13.27
N ALA A 283 -12.22 23.58 14.11
CA ALA A 283 -12.95 24.84 14.15
C ALA A 283 -12.62 25.75 12.98
N ARG A 284 -11.48 25.52 12.32
CA ARG A 284 -11.12 26.32 11.15
C ARG A 284 -12.16 26.16 10.05
N TRP A 285 -12.44 24.91 9.66
CA TRP A 285 -13.42 24.66 8.62
C TRP A 285 -14.80 25.11 9.06
N LEU A 286 -15.15 24.91 10.34
CA LEU A 286 -16.44 25.33 10.83
C LEU A 286 -16.62 26.84 10.72
N LEU A 287 -15.59 27.59 11.10
CA LEU A 287 -15.71 29.05 11.11
C LEU A 287 -15.75 29.62 9.70
N ILE A 288 -14.91 29.10 8.79
CA ILE A 288 -14.92 29.68 7.45
C ILE A 288 -16.24 29.39 6.73
N THR A 289 -16.84 28.22 6.97
CA THR A 289 -18.03 27.80 6.25
C THR A 289 -19.33 28.34 6.85
N GLY A 290 -19.27 29.38 7.67
CA GLY A 290 -20.46 29.97 8.23
C GLY A 290 -20.97 29.32 9.50
N ARG A 291 -20.34 28.23 9.95
CA ARG A 291 -20.73 27.55 11.18
C ARG A 291 -19.96 28.21 12.34
N LEU A 292 -20.62 29.15 13.01
CA LEU A 292 -19.98 29.94 14.06
C LEU A 292 -20.23 29.38 15.46
N ASP A 293 -21.49 29.10 15.80
CA ASP A 293 -21.81 28.65 17.14
C ASP A 293 -21.13 27.32 17.46
N ARG A 294 -21.19 26.36 16.53
CA ARG A 294 -20.59 25.07 16.77
C ARG A 294 -19.07 25.17 16.88
N GLY A 295 -18.45 26.00 16.04
CA GLY A 295 -17.02 26.21 16.15
C GLY A 295 -16.63 26.81 17.49
N LEU A 296 -17.39 27.80 17.95
CA LEU A 296 -17.14 28.40 19.25
C LEU A 296 -17.29 27.37 20.37
N ARG A 297 -18.33 26.54 20.28
CA ARG A 297 -18.54 25.50 21.29
C ARG A 297 -17.37 24.53 21.32
N GLU A 298 -16.89 24.11 20.14
CA GLU A 298 -15.77 23.19 20.08
C GLU A 298 -14.50 23.83 20.63
N LEU A 299 -14.29 25.11 20.32
CA LEU A 299 -13.13 25.81 20.85
C LEU A 299 -13.17 25.87 22.37
N GLN A 300 -14.34 26.18 22.94
CA GLN A 300 -14.46 26.20 24.39
C GLN A 300 -14.25 24.81 24.99
N ARG A 301 -14.76 23.78 24.32
CA ARG A 301 -14.55 22.41 24.80
C ARG A 301 -13.06 22.08 24.85
N VAL A 302 -12.33 22.40 23.78
CA VAL A 302 -10.91 22.11 23.74
C VAL A 302 -10.17 22.92 24.80
N ALA A 303 -10.54 24.18 24.97
CA ALA A 303 -9.90 25.01 25.99
C ALA A 303 -10.11 24.43 27.37
N ALA A 304 -11.32 23.98 27.67
CA ALA A 304 -11.57 23.32 28.95
C ALA A 304 -10.75 22.05 29.08
N ILE A 305 -10.63 21.28 27.99
CA ILE A 305 -9.83 20.06 28.02
C ILE A 305 -8.37 20.39 28.32
N ASN A 306 -7.85 21.45 27.70
CA ASN A 306 -6.41 21.72 27.76
C ASN A 306 -5.96 22.26 29.10
N GLY A 307 -6.88 22.59 30.00
CA GLY A 307 -6.52 23.09 31.32
C GLY A 307 -6.61 24.59 31.49
N LYS A 308 -7.10 25.33 30.50
CA LYS A 308 -7.26 26.77 30.58
C LYS A 308 -8.75 27.08 30.43
N ARG A 309 -9.42 27.28 31.57
CA ARG A 309 -10.86 27.51 31.60
C ARG A 309 -11.23 28.98 31.46
N ALA A 310 -10.52 29.86 32.16
CA ALA A 310 -10.85 31.28 32.13
C ALA A 310 -10.67 31.84 30.72
N VAL A 311 -9.61 31.45 30.03
CA VAL A 311 -9.37 31.95 28.68
C VAL A 311 -10.53 31.58 27.77
N GLY A 312 -10.96 30.32 27.81
CA GLY A 312 -12.09 29.90 26.99
C GLY A 312 -13.38 30.60 27.38
N ASP A 313 -13.57 30.84 28.68
CA ASP A 313 -14.80 31.49 29.14
C ASP A 313 -14.91 32.91 28.58
N THR A 314 -13.80 33.65 28.57
CA THR A 314 -13.82 35.04 28.11
C THR A 314 -14.12 35.17 26.62
N LEU A 315 -14.04 34.08 25.85
CA LEU A 315 -14.28 34.16 24.43
C LEU A 315 -15.75 34.54 24.15
N THR A 316 -15.95 35.34 23.11
CA THR A 316 -17.27 35.76 22.67
C THR A 316 -17.31 35.72 21.15
N PRO A 317 -18.49 35.61 20.55
CA PRO A 317 -18.56 35.55 19.09
C PRO A 317 -18.03 36.79 18.41
N GLN A 318 -18.03 37.94 19.07
CA GLN A 318 -17.56 39.17 18.44
C GLN A 318 -16.06 39.11 18.20
N VAL A 319 -15.29 38.71 19.21
CA VAL A 319 -13.85 38.56 19.05
C VAL A 319 -13.56 37.46 18.03
N LEU A 320 -14.37 36.40 18.03
CA LEU A 320 -14.18 35.33 17.06
C LEU A 320 -14.34 35.83 15.64
N LEU A 321 -15.37 36.65 15.39
CA LEU A 321 -15.56 37.20 14.06
C LEU A 321 -14.44 38.18 13.70
N SER A 322 -14.03 39.02 14.65
CA SER A 322 -12.99 40.01 14.36
C SER A 322 -11.67 39.33 14.03
N ALA A 323 -11.30 38.29 14.78
CA ALA A 323 -9.98 37.68 14.60
C ALA A 323 -9.87 36.93 13.28
N MET A 324 -10.99 36.47 12.71
CA MET A 324 -10.98 35.66 11.52
C MET A 324 -11.29 36.48 10.27
N GLN A 325 -11.34 37.81 10.39
CA GLN A 325 -11.67 38.65 9.25
C GLN A 325 -10.65 38.51 8.12
N GLU A 326 -9.40 38.19 8.45
CA GLU A 326 -8.37 38.09 7.42
C GLU A 326 -8.71 37.00 6.40
N GLU A 327 -9.16 35.83 6.88
CA GLU A 327 -9.52 34.76 5.97
C GLU A 327 -10.80 35.08 5.21
N LEU A 328 -11.79 35.63 5.90
CA LEU A 328 -13.07 35.90 5.26
C LEU A 328 -12.94 36.94 4.15
N SER A 329 -12.13 37.97 4.38
CA SER A 329 -11.94 39.00 3.36
C SER A 329 -11.36 38.41 2.08
N VAL A 330 -10.36 37.54 2.21
CA VAL A 330 -9.74 36.88 1.07
C VAL A 330 -10.21 35.44 1.00
N GLY A 331 -11.28 35.20 0.23
CA GLY A 331 -11.79 33.86 0.04
C GLY A 331 -11.01 33.11 -1.02
N GLN A 332 -9.80 32.68 -0.68
CA GLN A 332 -8.94 31.99 -1.63
C GLN A 332 -9.68 30.86 -2.32
N ALA A 333 -9.86 31.00 -3.63
CA ALA A 333 -10.52 29.99 -4.45
C ALA A 333 -9.47 29.15 -5.15
N PRO A 334 -9.53 27.81 -5.05
CA PRO A 334 -8.52 26.99 -5.73
C PRO A 334 -8.42 27.35 -7.20
N ALA A 335 -7.20 27.56 -7.66
CA ALA A 335 -6.95 27.90 -9.06
C ALA A 335 -6.76 26.62 -9.87
N SER A 336 -7.35 26.61 -11.06
CA SER A 336 -7.25 25.46 -11.94
C SER A 336 -5.87 25.41 -12.60
N LEU A 337 -5.63 24.35 -13.38
CA LEU A 337 -4.35 24.21 -14.06
C LEU A 337 -4.17 25.21 -15.20
N GLY A 338 -5.23 25.94 -15.57
CA GLY A 338 -5.11 26.89 -16.67
C GLY A 338 -4.03 27.93 -16.43
N THR A 339 -3.76 28.26 -15.16
CA THR A 339 -2.74 29.23 -14.81
C THR A 339 -1.45 28.57 -14.32
N LEU A 340 -1.31 27.25 -14.50
CA LEU A 340 -0.12 26.52 -14.06
C LEU A 340 0.71 26.01 -15.23
N LEU A 341 0.09 25.25 -16.14
CA LEU A 341 0.83 24.70 -17.27
C LEU A 341 1.04 25.71 -18.38
N ARG A 342 0.31 26.83 -18.37
CA ARG A 342 0.41 27.79 -19.46
C ARG A 342 1.74 28.52 -19.46
N THR A 343 2.30 28.81 -18.29
CA THR A 343 3.56 29.54 -18.21
C THR A 343 4.71 28.66 -18.70
N PRO A 344 5.42 29.04 -19.76
CA PRO A 344 6.49 28.16 -20.26
C PRO A 344 7.59 27.87 -19.25
N GLY A 345 7.95 28.86 -18.42
CA GLY A 345 9.06 28.69 -17.51
C GLY A 345 8.83 27.59 -16.48
N LEU A 346 7.58 27.41 -16.05
CA LEU A 346 7.27 26.48 -14.98
C LEU A 346 6.90 25.08 -15.49
N ARG A 347 6.87 24.88 -16.81
CA ARG A 347 6.48 23.58 -17.35
C ARG A 347 7.43 22.48 -16.88
N LEU A 348 8.74 22.75 -16.94
CA LEU A 348 9.72 21.73 -16.65
C LEU A 348 9.58 21.24 -15.21
N ARG A 349 9.40 22.17 -14.27
CA ARG A 349 9.29 21.80 -12.87
C ARG A 349 8.14 20.83 -12.65
N THR A 350 6.97 21.16 -13.19
CA THR A 350 5.81 20.29 -13.04
C THR A 350 6.05 18.94 -13.69
N CYS A 351 6.65 18.94 -14.89
CA CYS A 351 6.89 17.67 -15.57
C CYS A 351 7.74 16.74 -14.73
N ILE A 352 8.87 17.23 -14.23
CA ILE A 352 9.75 16.35 -13.44
C ILE A 352 9.13 15.99 -12.09
N SER A 353 8.41 16.93 -11.45
CA SER A 353 7.78 16.58 -10.17
C SER A 353 6.79 15.45 -10.37
N THR A 354 5.94 15.55 -11.40
CA THR A 354 4.98 14.50 -11.67
C THR A 354 5.68 13.20 -12.05
N LEU A 355 6.78 13.31 -12.80
CA LEU A 355 7.54 12.12 -13.18
C LEU A 355 8.03 11.37 -11.95
N CYS A 356 8.57 12.10 -10.97
CA CYS A 356 9.06 11.47 -9.75
C CYS A 356 7.91 10.84 -8.96
N TRP A 357 6.82 11.58 -8.80
CA TRP A 357 5.67 11.02 -8.07
C TRP A 357 5.21 9.72 -8.70
N PHE A 358 5.04 9.72 -10.04
CA PHE A 358 4.58 8.52 -10.73
C PHE A 358 5.59 7.39 -10.62
N ALA A 359 6.89 7.71 -10.76
CA ALA A 359 7.90 6.68 -10.71
C ALA A 359 7.85 5.95 -9.37
N PHE A 360 7.76 6.70 -8.27
CA PHE A 360 7.70 6.02 -6.98
C PHE A 360 6.40 5.25 -6.83
N GLY A 361 5.26 5.87 -7.16
CA GLY A 361 3.99 5.21 -6.95
C GLY A 361 3.85 3.94 -7.75
N PHE A 362 4.51 3.89 -8.92
CA PHE A 362 4.48 2.69 -9.74
C PHE A 362 5.43 1.63 -9.19
N THR A 363 6.71 1.98 -9.07
CA THR A 363 7.71 0.97 -8.76
C THR A 363 7.53 0.39 -7.36
N PHE A 364 7.22 1.22 -6.37
CA PHE A 364 7.19 0.70 -5.01
C PHE A 364 6.06 -0.30 -4.81
N PHE A 365 4.89 -0.04 -5.38
CA PHE A 365 3.77 -0.96 -5.22
C PHE A 365 3.93 -2.18 -6.10
N GLY A 366 4.41 -2.00 -7.33
CA GLY A 366 4.66 -3.15 -8.19
C GLY A 366 5.67 -4.11 -7.59
N LEU A 367 6.63 -3.59 -6.83
CA LEU A 367 7.62 -4.44 -6.19
C LEU A 367 7.13 -5.01 -4.86
N ALA A 368 6.48 -4.18 -4.03
CA ALA A 368 6.08 -4.63 -2.70
C ALA A 368 4.98 -5.68 -2.78
N LEU A 369 4.07 -5.58 -3.75
CA LEU A 369 2.94 -6.50 -3.77
C LEU A 369 3.39 -7.92 -4.07
N ASP A 370 4.36 -8.10 -4.95
CA ASP A 370 4.90 -9.43 -5.26
C ASP A 370 6.18 -9.72 -4.45
N LEU A 371 6.04 -9.65 -3.13
CA LEU A 371 7.18 -9.80 -2.25
C LEU A 371 7.85 -11.16 -2.34
N GLN A 372 7.16 -12.19 -2.83
CA GLN A 372 7.75 -13.52 -2.89
C GLN A 372 8.95 -13.55 -3.82
N ALA A 373 8.82 -12.96 -5.00
CA ALA A 373 9.89 -13.05 -6.00
C ALA A 373 11.16 -12.34 -5.54
N LEU A 374 11.07 -11.44 -4.56
CA LEU A 374 12.23 -10.67 -4.14
C LEU A 374 13.18 -11.51 -3.30
N GLY A 375 12.66 -12.33 -2.39
CA GLY A 375 13.49 -13.12 -1.50
C GLY A 375 13.03 -14.55 -1.34
N SER A 376 13.41 -15.18 -0.21
CA SER A 376 13.08 -16.58 0.03
C SER A 376 11.80 -16.72 0.84
N ASN A 377 11.77 -16.15 2.05
CA ASN A 377 10.62 -16.25 2.94
C ASN A 377 10.03 -14.86 3.14
N ILE A 378 8.69 -14.79 3.09
CA ILE A 378 8.00 -13.50 3.10
C ILE A 378 8.11 -12.83 4.47
N PHE A 379 8.02 -13.62 5.54
CA PHE A 379 7.94 -13.04 6.88
C PHE A 379 9.19 -12.22 7.20
N LEU A 380 10.37 -12.78 6.93
CA LEU A 380 11.60 -12.07 7.22
C LEU A 380 11.73 -10.81 6.38
N LEU A 381 11.33 -10.88 5.10
CA LEU A 381 11.38 -9.69 4.27
C LEU A 381 10.46 -8.61 4.80
N GLN A 382 9.25 -8.97 5.23
CA GLN A 382 8.33 -7.99 5.78
C GLN A 382 8.90 -7.35 7.04
N VAL A 383 9.43 -8.18 7.94
CA VAL A 383 9.99 -7.66 9.19
C VAL A 383 11.14 -6.71 8.89
N LEU A 384 12.03 -7.10 7.98
CA LEU A 384 13.20 -6.28 7.69
C LEU A 384 12.80 -4.98 6.99
N ILE A 385 11.79 -5.03 6.12
CA ILE A 385 11.30 -3.80 5.50
C ILE A 385 10.78 -2.86 6.57
N GLY A 386 9.95 -3.37 7.48
CA GLY A 386 9.42 -2.53 8.53
C GLY A 386 10.51 -1.95 9.41
N VAL A 387 11.52 -2.74 9.74
CA VAL A 387 12.59 -2.27 10.62
C VAL A 387 13.45 -1.24 9.91
N VAL A 388 13.76 -1.46 8.64
CA VAL A 388 14.70 -0.59 7.93
C VAL A 388 14.06 0.69 7.44
N ASP A 389 12.74 0.72 7.25
CA ASP A 389 12.11 1.94 6.78
C ASP A 389 12.30 3.09 7.76
N ILE A 390 12.39 2.80 9.06
CA ILE A 390 12.40 3.82 10.09
C ILE A 390 13.71 4.60 10.03
N PRO A 391 14.88 3.95 10.13
CA PRO A 391 16.13 4.72 10.10
C PRO A 391 16.31 5.55 8.84
N ALA A 392 15.90 5.05 7.68
CA ALA A 392 16.05 5.82 6.45
C ALA A 392 15.19 7.07 6.50
N LYS A 393 13.95 6.95 6.98
CA LYS A 393 13.08 8.12 7.09
C LYS A 393 13.65 9.13 8.08
N ILE A 394 14.26 8.67 9.17
CA ILE A 394 14.83 9.61 10.12
C ILE A 394 16.07 10.29 9.54
N GLY A 395 16.91 9.54 8.82
CA GLY A 395 18.14 10.09 8.31
C GLY A 395 17.95 11.01 7.12
N THR A 396 16.84 10.83 6.39
CA THR A 396 16.56 11.73 5.27
C THR A 396 16.39 13.17 5.74
N LEU A 397 15.75 13.36 6.89
CA LEU A 397 15.55 14.72 7.39
C LEU A 397 16.88 15.37 7.74
N LEU A 398 17.78 14.62 8.39
CA LEU A 398 19.10 15.17 8.68
C LEU A 398 19.87 15.48 7.41
N LEU A 399 19.78 14.60 6.41
CA LEU A 399 20.43 14.85 5.14
C LEU A 399 19.92 16.15 4.52
N LEU A 400 18.60 16.34 4.51
CA LEU A 400 18.02 17.56 3.97
C LEU A 400 18.52 18.78 4.75
N SER A 401 18.60 18.66 6.07
CA SER A 401 19.08 19.79 6.87
C SER A 401 20.51 20.15 6.50
N ARG A 402 21.39 19.14 6.38
CA ARG A 402 22.80 19.37 6.10
C ARG A 402 23.20 19.08 4.65
N LEU A 403 22.24 18.91 3.75
CA LEU A 403 22.56 18.71 2.36
C LEU A 403 21.41 19.22 1.50
N GLY A 404 21.70 19.47 0.23
CA GLY A 404 20.68 19.97 -0.67
C GLY A 404 19.56 18.97 -0.87
N ARG A 405 18.39 19.50 -1.24
CA ARG A 405 17.24 18.65 -1.50
C ARG A 405 17.39 17.89 -2.80
N ARG A 406 17.85 18.58 -3.85
CA ARG A 406 17.99 17.95 -5.16
C ARG A 406 19.00 16.80 -5.14
N PRO A 407 20.23 16.99 -4.63
CA PRO A 407 21.16 15.85 -4.57
C PRO A 407 20.62 14.68 -3.78
N THR A 408 19.96 14.94 -2.65
CA THR A 408 19.43 13.85 -1.85
C THR A 408 18.35 13.09 -2.61
N GLN A 409 17.43 13.82 -3.25
CA GLN A 409 16.37 13.16 -4.00
C GLN A 409 16.95 12.30 -5.12
N ALA A 410 17.85 12.89 -5.91
CA ALA A 410 18.43 12.15 -7.04
C ALA A 410 19.18 10.92 -6.56
N ALA A 411 20.02 11.08 -5.53
CA ALA A 411 20.80 9.96 -5.04
C ALA A 411 19.91 8.86 -4.49
N SER A 412 18.90 9.22 -3.70
CA SER A 412 18.03 8.21 -3.13
C SER A 412 17.31 7.42 -4.22
N LEU A 413 16.74 8.13 -5.20
CA LEU A 413 16.00 7.45 -6.25
C LEU A 413 16.93 6.56 -7.08
N VAL A 414 18.09 7.08 -7.46
CA VAL A 414 19.01 6.31 -8.30
C VAL A 414 19.50 5.08 -7.55
N LEU A 415 19.86 5.24 -6.27
CA LEU A 415 20.36 4.10 -5.51
C LEU A 415 19.28 3.04 -5.32
N ALA A 416 18.05 3.45 -5.02
CA ALA A 416 16.98 2.47 -4.85
C ALA A 416 16.75 1.70 -6.14
N GLY A 417 16.68 2.42 -7.27
CA GLY A 417 16.52 1.75 -8.55
C GLY A 417 17.66 0.80 -8.85
N LEU A 418 18.89 1.21 -8.56
CA LEU A 418 20.05 0.39 -8.89
C LEU A 418 20.10 -0.87 -8.02
N CYS A 419 19.77 -0.75 -6.74
CA CYS A 419 19.68 -1.96 -5.90
C CYS A 419 18.59 -2.90 -6.40
N ILE A 420 17.43 -2.35 -6.78
CA ILE A 420 16.37 -3.20 -7.31
C ILE A 420 16.85 -3.93 -8.55
N LEU A 421 17.53 -3.22 -9.46
CA LEU A 421 18.03 -3.85 -10.68
C LEU A 421 19.06 -4.93 -10.36
N ALA A 422 19.98 -4.63 -9.44
CA ALA A 422 21.02 -5.59 -9.09
C ALA A 422 20.45 -6.83 -8.42
N ASN A 423 19.31 -6.70 -7.75
CA ASN A 423 18.70 -7.86 -7.10
C ASN A 423 18.45 -8.99 -8.10
N THR A 424 18.11 -8.64 -9.34
CA THR A 424 17.77 -9.67 -10.33
C THR A 424 19.03 -10.38 -10.85
N LEU A 425 20.11 -9.63 -11.08
CA LEU A 425 21.28 -10.20 -11.74
C LEU A 425 21.89 -11.33 -10.92
N VAL A 426 21.96 -11.17 -9.60
CA VAL A 426 22.62 -12.14 -8.74
C VAL A 426 21.87 -13.47 -8.81
N PRO A 427 22.54 -14.60 -8.66
CA PRO A 427 21.85 -15.90 -8.78
C PRO A 427 20.90 -16.16 -7.61
N HIS A 428 20.22 -17.30 -7.64
CA HIS A 428 19.31 -17.69 -6.57
C HIS A 428 19.99 -18.51 -5.48
N GLU A 429 21.27 -18.85 -5.64
CA GLU A 429 21.96 -19.60 -4.59
C GLU A 429 22.06 -18.79 -3.31
N MET A 430 22.38 -17.51 -3.42
CA MET A 430 22.56 -16.63 -2.25
C MET A 430 21.24 -15.92 -1.98
N GLY A 431 20.39 -16.54 -1.15
CA GLY A 431 19.15 -15.90 -0.76
C GLY A 431 19.38 -14.70 0.14
N ALA A 432 20.36 -14.78 1.03
CA ALA A 432 20.59 -13.70 1.99
C ALA A 432 20.92 -12.39 1.28
N LEU A 433 21.84 -12.44 0.30
CA LEU A 433 22.21 -11.23 -0.40
C LEU A 433 21.04 -10.68 -1.22
N ARG A 434 20.26 -11.56 -1.84
CA ARG A 434 19.10 -11.11 -2.60
C ARG A 434 18.10 -10.40 -1.70
N SER A 435 17.83 -10.98 -0.52
CA SER A 435 16.90 -10.36 0.42
C SER A 435 17.43 -9.02 0.91
N ALA A 436 18.73 -8.94 1.21
CA ALA A 436 19.31 -7.69 1.67
C ALA A 436 19.20 -6.61 0.60
N LEU A 437 19.50 -6.97 -0.66
CA LEU A 437 19.40 -6.00 -1.74
C LEU A 437 17.96 -5.51 -1.91
N ALA A 438 17.00 -6.44 -1.85
CA ALA A 438 15.60 -6.04 -1.96
C ALA A 438 15.19 -5.11 -0.83
N VAL A 439 15.63 -5.41 0.39
CA VAL A 439 15.27 -4.59 1.55
C VAL A 439 15.87 -3.19 1.40
N LEU A 440 17.13 -3.11 0.97
CA LEU A 440 17.76 -1.81 0.76
C LEU A 440 17.03 -1.02 -0.32
N GLY A 441 16.62 -1.69 -1.41
CA GLY A 441 15.88 -1.00 -2.44
C GLY A 441 14.56 -0.44 -1.94
N LEU A 442 13.82 -1.23 -1.16
CA LEU A 442 12.55 -0.74 -0.63
C LEU A 442 12.78 0.44 0.32
N GLY A 443 13.80 0.35 1.17
CA GLY A 443 14.11 1.47 2.04
C GLY A 443 14.46 2.72 1.26
N GLY A 444 15.22 2.56 0.16
CA GLY A 444 15.54 3.70 -0.67
C GLY A 444 14.31 4.32 -1.30
N LEU A 445 13.37 3.49 -1.76
CA LEU A 445 12.14 4.03 -2.30
C LEU A 445 11.36 4.80 -1.24
N GLY A 446 11.29 4.28 -0.02
CA GLY A 446 10.62 5.00 1.04
C GLY A 446 11.26 6.35 1.33
N ALA A 447 12.61 6.37 1.39
CA ALA A 447 13.32 7.61 1.61
C ALA A 447 13.06 8.61 0.49
N ALA A 448 13.05 8.13 -0.75
CA ALA A 448 12.79 9.00 -1.89
C ALA A 448 11.38 9.59 -1.80
N PHE A 449 10.41 8.77 -1.39
CA PHE A 449 9.05 9.30 -1.26
C PHE A 449 8.97 10.39 -0.21
N THR A 450 9.58 10.15 0.96
CA THR A 450 9.48 11.15 2.02
C THR A 450 10.23 12.42 1.66
N CYS A 451 11.29 12.30 0.85
CA CYS A 451 12.01 13.49 0.42
C CYS A 451 11.20 14.28 -0.60
N ILE A 452 10.63 13.59 -1.60
CA ILE A 452 9.89 14.29 -2.64
C ILE A 452 8.64 14.94 -2.07
N THR A 453 8.03 14.33 -1.06
CA THR A 453 6.86 14.94 -0.44
C THR A 453 7.16 16.36 0.02
N ILE A 454 8.29 16.54 0.71
CA ILE A 454 8.68 17.89 1.15
C ILE A 454 9.13 18.73 -0.03
N TYR A 455 9.90 18.14 -0.95
CA TYR A 455 10.51 18.94 -2.01
C TYR A 455 9.48 19.54 -2.95
N SER A 456 8.37 18.84 -3.20
CA SER A 456 7.40 19.31 -4.18
C SER A 456 6.82 20.67 -3.78
N GLY A 457 6.46 20.84 -2.50
CA GLY A 457 5.81 22.07 -2.09
C GLY A 457 6.71 23.29 -2.22
N GLU A 458 8.01 23.11 -1.95
CA GLU A 458 8.90 24.27 -1.91
C GLU A 458 9.12 24.86 -3.29
N LEU A 459 9.01 24.05 -4.34
CA LEU A 459 9.35 24.52 -5.69
C LEU A 459 8.45 25.67 -6.13
N PHE A 460 7.14 25.49 -6.01
CA PHE A 460 6.18 26.40 -6.62
C PHE A 460 5.79 27.50 -5.65
N PRO A 461 5.21 28.59 -6.16
CA PRO A 461 4.74 29.67 -5.26
C PRO A 461 3.69 29.14 -4.30
N THR A 462 3.33 30.01 -3.35
CA THR A 462 2.37 29.62 -2.32
C THR A 462 0.99 29.38 -2.91
N VAL A 463 0.58 30.19 -3.89
CA VAL A 463 -0.77 30.09 -4.42
C VAL A 463 -0.96 28.79 -5.20
N LEU A 464 0.06 28.39 -5.95
CA LEU A 464 -0.04 27.24 -6.86
C LEU A 464 0.48 25.93 -6.24
N ARG A 465 0.85 25.94 -4.96
CA ARG A 465 1.40 24.73 -4.36
C ARG A 465 0.37 23.61 -4.28
N MET A 466 -0.86 23.93 -3.89
CA MET A 466 -1.87 22.90 -3.68
C MET A 466 -2.19 22.15 -4.97
N THR A 467 -2.32 22.88 -6.09
CA THR A 467 -2.63 22.22 -7.35
C THR A 467 -1.52 21.27 -7.77
N ALA A 468 -0.26 21.71 -7.63
CA ALA A 468 0.87 20.86 -7.98
C ALA A 468 0.93 19.63 -7.08
N VAL A 469 0.68 19.80 -5.79
CA VAL A 469 0.69 18.66 -4.87
C VAL A 469 -0.39 17.67 -5.27
N GLY A 470 -1.60 18.16 -5.56
CA GLY A 470 -2.67 17.27 -5.96
C GLY A 470 -2.36 16.53 -7.25
N LEU A 471 -1.76 17.23 -8.21
CA LEU A 471 -1.37 16.60 -9.46
C LEU A 471 -0.35 15.50 -9.21
N GLY A 472 0.63 15.76 -8.34
CA GLY A 472 1.59 14.74 -8.01
C GLY A 472 0.96 13.52 -7.35
N GLN A 473 0.04 13.75 -6.42
CA GLN A 473 -0.63 12.62 -5.76
C GLN A 473 -1.43 11.80 -6.76
N MET A 474 -2.16 12.46 -7.66
CA MET A 474 -2.92 11.74 -8.67
C MET A 474 -2.00 10.93 -9.58
N ALA A 475 -0.88 11.52 -9.98
CA ALA A 475 0.06 10.79 -10.83
C ALA A 475 0.64 9.58 -10.09
N ALA A 476 0.98 9.74 -8.81
CA ALA A 476 1.50 8.62 -8.05
C ALA A 476 0.47 7.51 -7.91
N ARG A 477 -0.80 7.86 -7.72
CA ARG A 477 -1.81 6.82 -7.57
C ARG A 477 -2.07 6.13 -8.90
N GLY A 478 -2.07 6.88 -10.00
CA GLY A 478 -2.15 6.26 -11.31
C GLY A 478 -1.01 5.29 -11.57
N GLY A 479 0.21 5.69 -11.20
CA GLY A 479 1.34 4.78 -11.33
C GLY A 479 1.19 3.55 -10.48
N ALA A 480 0.66 3.71 -9.27
CA ALA A 480 0.41 2.55 -8.41
C ALA A 480 -0.58 1.60 -9.07
N ILE A 481 -1.64 2.13 -9.66
CA ILE A 481 -2.61 1.30 -10.36
C ILE A 481 -1.93 0.56 -11.51
N LEU A 482 -1.12 1.27 -12.29
CA LEU A 482 -0.50 0.65 -13.46
C LEU A 482 0.62 -0.32 -13.09
N GLY A 483 1.12 -0.26 -11.85
CA GLY A 483 2.20 -1.11 -11.43
C GLY A 483 1.93 -2.59 -11.58
N PRO A 484 0.92 -3.09 -10.87
CA PRO A 484 0.66 -4.54 -10.89
C PRO A 484 0.46 -5.11 -12.28
N LEU A 485 -0.12 -4.35 -13.21
CA LEU A 485 -0.40 -4.89 -14.54
C LEU A 485 0.85 -5.31 -15.27
N VAL A 486 2.02 -4.78 -14.89
CA VAL A 486 3.25 -5.11 -15.61
C VAL A 486 3.58 -6.58 -15.48
N ARG A 487 3.12 -7.23 -14.41
CA ARG A 487 3.49 -8.63 -14.17
C ARG A 487 2.94 -9.57 -15.22
N LEU A 488 2.00 -9.12 -16.06
CA LEU A 488 1.48 -9.99 -17.11
C LEU A 488 2.56 -10.36 -18.12
N LEU A 489 3.68 -9.66 -18.12
CA LEU A 489 4.82 -10.01 -18.97
C LEU A 489 5.69 -11.10 -18.37
N GLY A 490 5.35 -11.59 -17.17
CA GLY A 490 6.16 -12.61 -16.53
C GLY A 490 6.17 -13.95 -17.24
N VAL A 491 5.29 -14.15 -18.22
CA VAL A 491 5.27 -15.41 -18.95
C VAL A 491 6.57 -15.58 -19.75
N HIS A 492 7.11 -14.48 -20.29
CA HIS A 492 8.43 -14.55 -20.89
C HIS A 492 9.47 -14.95 -19.85
N GLY A 493 9.40 -14.37 -18.67
CA GLY A 493 10.34 -14.66 -17.61
C GLY A 493 10.18 -13.72 -16.44
N PRO A 494 10.51 -14.18 -15.22
CA PRO A 494 10.36 -13.31 -14.04
C PRO A 494 11.33 -12.13 -14.04
N TRP A 495 12.37 -12.16 -14.87
CA TRP A 495 13.39 -11.11 -14.83
C TRP A 495 12.92 -9.81 -15.49
N LEU A 496 12.03 -9.87 -16.48
CA LEU A 496 11.64 -8.65 -17.18
C LEU A 496 10.91 -7.67 -16.28
N PRO A 497 9.92 -8.07 -15.47
CA PRO A 497 9.27 -7.10 -14.59
C PRO A 497 10.25 -6.42 -13.64
N LEU A 498 11.20 -7.18 -13.09
CA LEU A 498 12.19 -6.59 -12.20
C LEU A 498 13.12 -5.64 -12.96
N LEU A 499 13.46 -5.98 -14.20
CA LEU A 499 14.28 -5.08 -15.01
C LEU A 499 13.56 -3.76 -15.23
N VAL A 500 12.25 -3.81 -15.52
CA VAL A 500 11.49 -2.59 -15.72
C VAL A 500 11.43 -1.78 -14.42
N TYR A 501 11.15 -2.46 -13.30
CA TYR A 501 11.06 -1.79 -12.02
C TYR A 501 12.39 -1.17 -11.62
N GLY A 502 13.50 -1.72 -12.09
CA GLY A 502 14.80 -1.14 -11.80
C GLY A 502 15.18 -0.02 -12.75
N THR A 503 14.75 -0.11 -14.00
CA THR A 503 15.11 0.91 -14.98
C THR A 503 14.31 2.19 -14.78
N VAL A 504 13.04 2.09 -14.40
CA VAL A 504 12.21 3.30 -14.26
C VAL A 504 12.77 4.24 -13.19
N PRO A 505 13.02 3.80 -11.96
CA PRO A 505 13.54 4.73 -10.95
C PRO A 505 14.89 5.34 -11.31
N VAL A 506 15.76 4.60 -11.97
CA VAL A 506 17.07 5.16 -12.33
C VAL A 506 16.90 6.35 -13.26
N LEU A 507 16.07 6.18 -14.30
CA LEU A 507 15.84 7.27 -15.23
C LEU A 507 15.14 8.44 -14.55
N SER A 508 14.16 8.15 -13.68
CA SER A 508 13.48 9.23 -12.97
C SER A 508 14.46 10.02 -12.11
N GLY A 509 15.34 9.33 -11.39
CA GLY A 509 16.30 10.02 -10.56
C GLY A 509 17.29 10.84 -11.37
N LEU A 510 17.79 10.27 -12.48
CA LEU A 510 18.70 11.02 -13.34
C LEU A 510 18.02 12.27 -13.88
N ALA A 511 16.75 12.17 -14.26
CA ALA A 511 16.01 13.34 -14.75
C ALA A 511 15.83 14.37 -13.66
N ALA A 512 15.60 13.92 -12.42
CA ALA A 512 15.34 14.84 -11.31
C ALA A 512 16.58 15.65 -10.90
N LEU A 513 17.72 15.57 -11.57
CA LEU A 513 18.88 16.39 -11.26
C LEU A 513 18.86 17.74 -11.94
N LEU A 514 17.85 18.01 -12.78
CA LEU A 514 17.82 19.23 -13.58
C LEU A 514 17.10 20.38 -12.90
N LEU A 515 15.99 20.10 -12.22
CA LEU A 515 15.20 21.17 -11.64
C LEU A 515 16.00 21.89 -10.54
N PRO A 516 15.74 23.18 -10.32
CA PRO A 516 16.60 23.96 -9.43
C PRO A 516 16.47 23.51 -7.97
N GLU A 517 17.50 23.83 -7.20
CA GLU A 517 17.55 23.48 -5.79
C GLU A 517 16.56 24.33 -4.99
N THR A 518 16.18 23.80 -3.83
CA THR A 518 15.22 24.48 -2.96
C THR A 518 13.90 24.70 -3.68
#